data_3LD1
#
_entry.id   3LD1
#
_cell.length_a   114.179
_cell.length_b   114.179
_cell.length_c   60.979
_cell.angle_alpha   90.000
_cell.angle_beta   90.000
_cell.angle_gamma   120.000
#
_symmetry.space_group_name_H-M   'P 64'
#
loop_
_entity.id
_entity.type
_entity.pdbx_description
1 polymer 'Replicase polyprotein 1a'
2 water water
#
_entity_poly.entity_id   1
_entity_poly.type   'polypeptide(L)'
_entity_poly.pdbx_seq_one_letter_code
;LRDVILVSKDIPEQLCDALFFYTSHNPKDYADAFAVRQKFDRNLQTGKQFKFETVCGLFLLKGVDKITPGVPAKVLKATS
KLADLEDIFGVSPFARKYRELLKTACQWSLTVETLDARALTLDEIFDPTEILWLQVAAKIQVSAMAMRRLVGEVTAKVMD
ALGSNMSALFQIFKQQIVRIFQAALAIFENVSELPQRIAALKMAFAKCAKSITVVVMERTLVVREFAGTCLASINGAVAK
FFEELPNGFMGAKIFTTFAFFREAAVKIVDNIPNAPRGTKGFEVVGNAKGTQVVVRGMRNDLTLLDQKAEIPVESEGWSA
ILGGHLCYVFKSGDRFYAAPLSGNFALHDVHCCERVVCL
;
_entity_poly.pdbx_strand_id   A
#
# COMPACT_ATOMS: atom_id res chain seq x y z
N LEU A 1 -39.87 -14.33 -16.05
CA LEU A 1 -40.74 -13.32 -15.39
C LEU A 1 -40.53 -13.41 -13.87
N ARG A 2 -39.26 -13.41 -13.43
CA ARG A 2 -38.88 -13.39 -11.99
C ARG A 2 -39.20 -12.04 -11.33
N ASP A 3 -39.26 -12.04 -9.99
CA ASP A 3 -39.48 -10.78 -9.23
C ASP A 3 -38.23 -9.94 -9.18
N VAL A 4 -38.41 -8.69 -9.58
CA VAL A 4 -37.35 -7.71 -9.52
C VAL A 4 -37.57 -6.92 -8.20
N ILE A 5 -36.65 -7.06 -7.24
CA ILE A 5 -36.78 -6.36 -5.97
C ILE A 5 -36.41 -4.87 -6.15
N LEU A 6 -37.37 -3.99 -5.91
CA LEU A 6 -37.09 -2.57 -6.01
C LEU A 6 -36.46 -1.98 -4.72
N VAL A 7 -35.19 -1.55 -4.77
CA VAL A 7 -34.60 -1.09 -3.55
C VAL A 7 -34.24 0.37 -3.61
N SER A 8 -34.92 1.09 -2.74
CA SER A 8 -34.76 2.48 -2.55
C SER A 8 -33.28 2.91 -2.48
N LYS A 9 -32.92 3.74 -3.43
CA LYS A 9 -31.56 4.27 -3.59
C LYS A 9 -31.03 4.92 -2.31
N ASP A 10 -31.94 5.50 -1.51
CA ASP A 10 -31.57 6.17 -0.23
C ASP A 10 -31.46 5.25 0.98
N ILE A 11 -31.61 3.92 0.82
CA ILE A 11 -31.61 3.10 2.04
C ILE A 11 -30.40 3.41 2.98
N PRO A 12 -30.62 3.41 4.33
CA PRO A 12 -29.49 3.76 5.23
C PRO A 12 -28.37 2.78 5.14
N GLU A 13 -27.16 3.21 5.54
CA GLU A 13 -25.95 2.39 5.41
C GLU A 13 -26.16 1.02 6.05
N GLN A 14 -26.84 0.97 7.16
CA GLN A 14 -26.87 -0.31 7.86
C GLN A 14 -27.70 -1.31 7.12
N LEU A 15 -28.57 -0.82 6.26
CA LEU A 15 -29.65 -1.62 5.72
C LEU A 15 -29.00 -2.06 4.45
N CYS A 16 -28.36 -1.08 3.82
CA CYS A 16 -27.59 -1.40 2.70
C CYS A 16 -26.57 -2.53 2.98
N ASP A 17 -25.93 -2.45 4.12
CA ASP A 17 -25.03 -3.49 4.55
C ASP A 17 -25.71 -4.83 4.75
N ALA A 18 -26.88 -4.80 5.40
CA ALA A 18 -27.53 -6.11 5.63
C ALA A 18 -27.93 -6.70 4.31
N LEU A 19 -28.51 -5.89 3.41
CA LEU A 19 -28.87 -6.38 2.06
C LEU A 19 -27.60 -6.95 1.45
N PHE A 20 -26.58 -6.13 1.22
CA PHE A 20 -25.35 -6.67 0.61
C PHE A 20 -24.79 -7.96 1.27
N PHE A 21 -24.95 -8.09 2.58
CA PHE A 21 -24.35 -9.23 3.23
C PHE A 21 -25.01 -10.59 2.97
N TYR A 22 -25.97 -10.64 2.04
CA TYR A 22 -26.51 -11.91 1.57
C TYR A 22 -25.65 -12.50 0.50
N THR A 23 -24.65 -11.72 0.03
CA THR A 23 -23.82 -12.08 -1.11
C THR A 23 -23.16 -13.45 -0.92
N SER A 24 -22.97 -14.16 -2.04
CA SER A 24 -22.47 -15.52 -2.00
C SER A 24 -21.00 -15.38 -2.35
N HIS A 25 -20.64 -14.20 -2.84
CA HIS A 25 -19.33 -14.01 -3.35
C HIS A 25 -18.32 -14.39 -2.31
N ASN A 26 -17.30 -15.15 -2.73
CA ASN A 26 -16.16 -15.53 -1.86
C ASN A 26 -14.94 -14.64 -2.16
N PRO A 27 -14.73 -13.59 -1.34
CA PRO A 27 -13.72 -12.51 -1.66
C PRO A 27 -12.24 -12.94 -1.48
N LYS A 28 -11.45 -12.71 -2.52
CA LYS A 28 -10.07 -13.18 -2.60
C LYS A 28 -9.26 -12.53 -1.45
N ASP A 29 -9.40 -11.19 -1.27
CA ASP A 29 -8.72 -10.38 -0.22
C ASP A 29 -9.47 -9.08 -0.14
N TYR A 30 -8.87 -8.05 0.48
CA TYR A 30 -9.53 -6.76 0.65
C TYR A 30 -9.71 -6.03 -0.66
N ALA A 31 -8.76 -6.22 -1.56
CA ALA A 31 -8.92 -5.65 -2.88
C ALA A 31 -10.17 -6.18 -3.56
N ASP A 32 -10.35 -7.49 -3.56
CA ASP A 32 -11.52 -8.11 -4.22
C ASP A 32 -12.81 -7.63 -3.50
N ALA A 33 -12.80 -7.74 -2.19
CA ALA A 33 -13.96 -7.36 -1.44
C ALA A 33 -14.30 -5.96 -1.80
N PHE A 34 -13.31 -5.08 -1.81
CA PHE A 34 -13.62 -3.69 -2.05
C PHE A 34 -14.20 -3.57 -3.46
N ALA A 35 -13.57 -4.27 -4.42
CA ALA A 35 -14.06 -4.19 -5.81
C ALA A 35 -15.56 -4.65 -5.94
N VAL A 36 -15.86 -5.78 -5.30
CA VAL A 36 -17.21 -6.34 -5.34
C VAL A 36 -18.27 -5.41 -4.68
N ARG A 37 -17.96 -4.85 -3.51
CA ARG A 37 -18.94 -4.01 -2.83
C ARG A 37 -19.08 -2.69 -3.61
N GLN A 38 -17.98 -2.20 -4.16
CA GLN A 38 -18.08 -0.96 -4.96
C GLN A 38 -18.97 -1.17 -6.20
N LYS A 39 -18.77 -2.26 -6.93
CA LYS A 39 -19.66 -2.57 -8.12
C LYS A 39 -21.13 -2.63 -7.72
N PHE A 40 -21.34 -3.22 -6.56
CA PHE A 40 -22.70 -3.44 -6.19
C PHE A 40 -23.34 -2.08 -5.80
N ASP A 41 -22.63 -1.28 -5.00
CA ASP A 41 -23.21 0.03 -4.69
C ASP A 41 -23.45 0.83 -5.96
N ARG A 42 -22.55 0.76 -6.94
CA ARG A 42 -22.79 1.49 -8.20
C ARG A 42 -24.02 1.00 -8.90
N ASN A 43 -24.18 -0.33 -8.98
CA ASN A 43 -25.31 -0.95 -9.66
C ASN A 43 -26.61 -0.41 -9.11
N LEU A 44 -26.66 -0.35 -7.78
CA LEU A 44 -27.86 0.11 -7.10
C LEU A 44 -28.23 1.49 -7.54
N GLN A 45 -27.24 2.37 -7.72
CA GLN A 45 -27.54 3.78 -8.01
C GLN A 45 -27.94 4.04 -9.45
N THR A 46 -27.51 3.14 -10.34
CA THR A 46 -27.88 3.20 -11.79
C THR A 46 -29.37 3.03 -11.96
N GLY A 47 -30.04 2.26 -11.11
CA GLY A 47 -31.54 2.25 -11.15
C GLY A 47 -32.01 1.40 -12.30
N LYS A 48 -31.03 0.72 -12.89
CA LYS A 48 -31.23 -0.31 -13.85
C LYS A 48 -31.25 -1.68 -13.11
N GLN A 49 -32.14 -2.54 -13.58
CA GLN A 49 -32.12 -3.86 -13.10
C GLN A 49 -30.73 -4.48 -13.21
N PHE A 50 -30.38 -5.35 -12.28
CA PHE A 50 -29.12 -6.05 -12.33
C PHE A 50 -29.23 -7.23 -11.37
N LYS A 51 -28.30 -8.17 -11.49
CA LYS A 51 -28.37 -9.41 -10.78
C LYS A 51 -27.67 -9.37 -9.43
N PHE A 52 -28.11 -10.19 -8.48
CA PHE A 52 -27.44 -10.30 -7.23
C PHE A 52 -27.36 -11.77 -6.80
N GLU A 53 -26.23 -12.40 -7.06
CA GLU A 53 -25.96 -13.69 -6.54
C GLU A 53 -25.96 -13.76 -4.97
N THR A 54 -27.03 -14.27 -4.35
CA THR A 54 -27.01 -14.43 -2.91
C THR A 54 -26.77 -15.86 -2.42
N VAL A 55 -26.83 -16.07 -1.10
CA VAL A 55 -26.72 -17.40 -0.46
C VAL A 55 -28.13 -18.05 -0.33
N CYS A 56 -29.12 -17.33 -0.87
CA CYS A 56 -30.48 -17.81 -1.06
C CYS A 56 -30.75 -17.85 -2.55
N GLY A 57 -29.71 -17.99 -3.39
CA GLY A 57 -29.92 -18.01 -4.85
C GLY A 57 -29.98 -16.62 -5.48
N LEU A 58 -30.23 -16.59 -6.79
CA LEU A 58 -30.03 -15.41 -7.59
C LEU A 58 -31.24 -14.50 -7.40
N PHE A 59 -31.06 -13.23 -7.06
CA PHE A 59 -32.24 -12.32 -7.17
C PHE A 59 -31.87 -11.26 -8.14
N LEU A 60 -32.91 -10.57 -8.58
CA LEU A 60 -32.71 -9.38 -9.38
C LEU A 60 -33.12 -8.17 -8.53
N LEU A 61 -32.29 -7.10 -8.57
CA LEU A 61 -32.58 -5.83 -7.88
C LEU A 61 -32.64 -4.66 -8.84
N LYS A 62 -33.27 -3.61 -8.39
CA LYS A 62 -33.37 -2.36 -9.10
C LYS A 62 -33.49 -1.15 -8.11
N GLY A 63 -32.50 -0.26 -8.13
CA GLY A 63 -32.55 0.89 -7.27
C GLY A 63 -33.61 1.85 -7.77
N VAL A 64 -34.41 2.40 -6.86
CA VAL A 64 -35.36 3.42 -7.29
C VAL A 64 -35.44 4.60 -6.35
N ASP A 65 -36.14 5.62 -6.80
CA ASP A 65 -36.45 6.76 -5.96
C ASP A 65 -37.97 6.70 -5.82
N LYS A 66 -38.68 7.65 -6.44
CA LYS A 66 -40.13 7.70 -6.37
C LYS A 66 -40.60 6.50 -7.13
N ILE A 67 -41.46 5.70 -6.50
CA ILE A 67 -42.04 4.55 -7.21
C ILE A 67 -43.29 5.03 -7.93
N THR A 68 -43.19 4.97 -9.27
CA THR A 68 -44.34 4.95 -10.20
C THR A 68 -45.47 4.05 -9.57
N PRO A 69 -46.72 4.58 -9.45
CA PRO A 69 -47.68 3.87 -8.53
C PRO A 69 -48.14 2.52 -9.19
N GLY A 70 -48.90 1.66 -8.50
CA GLY A 70 -49.46 0.45 -9.21
C GLY A 70 -48.77 -0.93 -9.15
N VAL A 71 -48.20 -1.42 -10.30
CA VAL A 71 -47.66 -2.84 -10.53
C VAL A 71 -46.99 -3.58 -9.33
N PRO A 72 -47.81 -4.05 -8.33
CA PRO A 72 -47.28 -4.28 -6.96
C PRO A 72 -45.95 -4.99 -7.00
N ALA A 73 -44.94 -4.33 -6.47
CA ALA A 73 -43.62 -4.89 -6.54
C ALA A 73 -43.28 -5.29 -5.11
N LYS A 74 -42.17 -6.01 -4.93
CA LYS A 74 -41.57 -6.06 -3.61
C LYS A 74 -40.53 -4.95 -3.48
N VAL A 75 -40.71 -4.13 -2.45
CA VAL A 75 -39.90 -2.92 -2.21
C VAL A 75 -39.12 -2.89 -0.84
N LEU A 76 -37.80 -2.67 -0.88
CA LEU A 76 -36.97 -2.34 0.28
C LEU A 76 -36.86 -0.80 0.40
N LYS A 77 -37.54 -0.24 1.38
CA LYS A 77 -37.56 1.17 1.60
C LYS A 77 -36.57 1.62 2.67
N ALA A 78 -36.27 2.91 2.72
CA ALA A 78 -35.45 3.56 3.75
C ALA A 78 -35.78 3.16 5.18
N THR A 79 -37.04 2.85 5.44
CA THR A 79 -37.47 2.53 6.82
C THR A 79 -37.63 1.02 7.13
N SER A 80 -37.36 0.16 6.14
CA SER A 80 -37.43 -1.28 6.33
C SER A 80 -36.49 -1.80 7.40
N LYS A 81 -36.81 -2.96 8.01
CA LYS A 81 -36.01 -3.59 9.07
C LYS A 81 -35.32 -4.82 8.55
N LEU A 82 -34.54 -5.52 9.38
CA LEU A 82 -34.05 -6.83 8.97
C LEU A 82 -35.22 -7.74 8.61
N ALA A 83 -36.31 -7.63 9.37
CA ALA A 83 -37.54 -8.43 9.22
C ALA A 83 -38.12 -8.32 7.80
N ASP A 84 -38.19 -7.10 7.28
CA ASP A 84 -38.77 -6.84 5.94
C ASP A 84 -37.95 -7.47 4.83
N LEU A 85 -36.66 -7.45 5.07
CA LEU A 85 -35.66 -8.07 4.28
C LEU A 85 -35.76 -9.57 4.30
N GLU A 86 -35.94 -10.15 5.48
CA GLU A 86 -35.97 -11.59 5.57
C GLU A 86 -37.22 -12.10 4.89
N ASP A 87 -38.26 -11.30 4.86
CA ASP A 87 -39.52 -11.68 4.17
C ASP A 87 -39.34 -11.87 2.71
N ILE A 88 -38.39 -11.14 2.15
CA ILE A 88 -38.13 -11.21 0.76
C ILE A 88 -37.02 -12.20 0.50
N PHE A 89 -35.90 -12.17 1.25
CA PHE A 89 -34.69 -12.93 0.83
C PHE A 89 -34.48 -14.26 1.54
N GLY A 90 -35.16 -14.42 2.66
CA GLY A 90 -34.88 -15.51 3.56
C GLY A 90 -33.86 -14.97 4.52
N VAL A 91 -33.17 -15.87 5.23
CA VAL A 91 -32.32 -15.54 6.33
C VAL A 91 -30.91 -15.71 5.82
N SER A 92 -30.06 -14.74 6.22
CA SER A 92 -28.63 -14.78 6.00
C SER A 92 -27.96 -14.89 7.35
N PRO A 93 -27.17 -15.93 7.59
CA PRO A 93 -26.66 -16.07 8.99
C PRO A 93 -25.70 -14.92 9.30
N PHE A 94 -24.88 -14.61 8.32
CA PHE A 94 -24.06 -13.41 8.37
C PHE A 94 -24.84 -12.09 8.74
N ALA A 95 -25.82 -11.70 7.92
CA ALA A 95 -26.65 -10.56 8.29
C ALA A 95 -27.04 -10.63 9.77
N ARG A 96 -27.52 -11.77 10.25
CA ARG A 96 -27.95 -11.80 11.65
C ARG A 96 -26.86 -11.52 12.64
N LYS A 97 -25.65 -12.01 12.42
CA LYS A 97 -24.55 -11.65 13.30
C LYS A 97 -24.29 -10.14 13.21
N TYR A 98 -24.45 -9.60 12.01
CA TYR A 98 -24.24 -8.22 11.82
C TYR A 98 -25.25 -7.43 12.58
N ARG A 99 -26.50 -7.91 12.62
CA ARG A 99 -27.52 -7.19 13.38
C ARG A 99 -27.05 -7.23 14.84
N GLU A 100 -26.48 -8.34 15.24
CA GLU A 100 -25.97 -8.48 16.59
C GLU A 100 -24.80 -7.47 16.84
N LEU A 101 -23.72 -7.52 16.03
CA LEU A 101 -22.66 -6.53 16.23
C LEU A 101 -23.20 -5.10 16.42
N LEU A 102 -24.18 -4.68 15.58
CA LEU A 102 -24.80 -3.33 15.70
C LEU A 102 -25.39 -3.08 17.04
N LYS A 103 -26.18 -4.06 17.48
CA LYS A 103 -26.78 -4.10 18.79
C LYS A 103 -25.77 -3.88 19.92
N THR A 104 -24.59 -4.48 19.84
CA THR A 104 -23.58 -4.26 20.86
C THR A 104 -22.70 -3.00 20.66
N ALA A 105 -22.98 -2.12 19.71
CA ALA A 105 -22.04 -0.99 19.45
C ALA A 105 -22.11 -0.02 20.60
N CYS A 106 -23.26 0.02 21.19
CA CYS A 106 -23.46 0.86 22.26
C CYS A 106 -22.42 0.47 23.34
N GLN A 107 -21.81 -0.73 23.27
CA GLN A 107 -20.71 -1.02 24.18
C GLN A 107 -19.40 -0.89 23.54
N TRP A 108 -19.15 -1.53 22.40
CA TRP A 108 -17.76 -1.60 21.92
C TRP A 108 -17.25 -0.32 21.22
N SER A 109 -18.15 0.57 20.89
CA SER A 109 -17.74 1.83 20.30
C SER A 109 -17.55 3.01 21.23
N LEU A 110 -17.68 2.76 22.53
CA LEU A 110 -17.51 3.76 23.61
C LEU A 110 -16.23 4.61 23.44
N THR A 111 -15.05 3.95 23.33
CA THR A 111 -13.74 4.53 23.28
C THR A 111 -12.69 3.76 22.38
N VAL A 112 -11.54 4.41 22.10
CA VAL A 112 -10.47 3.78 21.36
C VAL A 112 -10.26 2.42 21.91
N GLU A 113 -10.22 2.30 23.25
CA GLU A 113 -9.87 0.98 23.73
C GLU A 113 -10.97 -0.05 23.50
N THR A 114 -12.24 0.34 23.56
CA THR A 114 -13.26 -0.64 23.32
C THR A 114 -13.27 -1.05 21.86
N LEU A 115 -13.05 -0.04 21.02
CA LEU A 115 -12.98 -0.23 19.60
C LEU A 115 -11.85 -1.22 19.28
N ASP A 116 -10.68 -1.03 19.89
CA ASP A 116 -9.55 -1.94 19.64
C ASP A 116 -9.79 -3.37 20.12
N ALA A 117 -10.46 -3.49 21.25
CA ALA A 117 -10.75 -4.79 21.82
C ALA A 117 -11.84 -5.51 20.98
N ARG A 118 -12.85 -4.82 20.55
CA ARG A 118 -13.81 -5.49 19.72
C ARG A 118 -13.11 -5.93 18.44
N ALA A 119 -12.21 -5.09 17.87
CA ALA A 119 -11.48 -5.40 16.62
C ALA A 119 -10.62 -6.65 16.74
N LEU A 120 -9.94 -6.78 17.86
CA LEU A 120 -8.80 -7.67 17.93
C LEU A 120 -9.38 -9.06 18.06
N THR A 121 -10.54 -9.08 18.68
CA THR A 121 -11.28 -10.26 19.09
C THR A 121 -12.33 -10.71 18.05
N LEU A 122 -12.58 -9.85 17.10
CA LEU A 122 -13.53 -10.05 16.06
C LEU A 122 -13.65 -11.46 15.42
N ASP A 123 -12.53 -12.10 15.16
CA ASP A 123 -12.59 -13.45 14.55
C ASP A 123 -13.22 -14.54 15.51
N GLU A 124 -13.33 -14.22 16.81
CA GLU A 124 -14.10 -15.04 17.72
C GLU A 124 -15.54 -15.13 17.27
N ILE A 125 -16.04 -14.24 16.45
CA ILE A 125 -17.43 -14.40 16.02
C ILE A 125 -17.56 -14.48 14.49
N PHE A 126 -16.59 -13.92 13.74
CA PHE A 126 -16.59 -13.95 12.28
C PHE A 126 -15.42 -14.66 11.64
N ASP A 127 -15.70 -15.30 10.51
CA ASP A 127 -14.61 -15.95 9.77
C ASP A 127 -13.97 -14.96 8.81
N PRO A 128 -12.90 -15.40 8.08
CA PRO A 128 -12.06 -14.45 7.34
C PRO A 128 -12.82 -13.68 6.31
N THR A 129 -13.80 -14.31 5.72
CA THR A 129 -14.56 -13.69 4.66
C THR A 129 -15.56 -12.65 5.24
N GLU A 130 -16.12 -12.98 6.39
CA GLU A 130 -17.12 -12.12 6.87
C GLU A 130 -16.40 -10.86 7.40
N ILE A 131 -15.23 -11.05 8.02
CA ILE A 131 -14.37 -9.98 8.41
C ILE A 131 -14.07 -9.06 7.26
N LEU A 132 -13.57 -9.61 6.17
CA LEU A 132 -13.34 -8.73 5.02
C LEU A 132 -14.60 -7.94 4.63
N TRP A 133 -15.80 -8.46 4.75
CA TRP A 133 -16.97 -7.66 4.31
C TRP A 133 -17.25 -6.53 5.33
N LEU A 134 -17.07 -6.84 6.61
CA LEU A 134 -17.17 -5.82 7.67
C LEU A 134 -16.25 -4.63 7.33
N GLN A 135 -15.09 -4.98 6.78
CA GLN A 135 -14.06 -4.02 6.52
C GLN A 135 -14.44 -3.21 5.30
N VAL A 136 -15.52 -3.57 4.64
CA VAL A 136 -16.02 -2.73 3.53
C VAL A 136 -17.45 -2.32 3.76
N ALA A 137 -17.95 -2.53 4.97
CA ALA A 137 -19.28 -2.13 5.30
C ALA A 137 -19.47 -0.65 5.01
N ALA A 138 -20.62 -0.21 4.49
CA ALA A 138 -21.03 1.23 4.54
C ALA A 138 -21.11 1.85 5.95
N LYS A 139 -21.54 1.12 6.97
CA LYS A 139 -21.71 1.83 8.22
C LYS A 139 -20.38 2.13 8.84
N ILE A 140 -20.19 3.42 8.96
CA ILE A 140 -18.87 3.89 9.25
C ILE A 140 -18.33 3.22 10.51
N GLN A 141 -19.14 3.26 11.53
CA GLN A 141 -18.77 2.79 12.82
C GLN A 141 -18.37 1.33 12.79
N VAL A 142 -18.83 0.56 11.81
CA VAL A 142 -18.38 -0.81 11.73
C VAL A 142 -17.11 -0.95 10.94
N SER A 143 -17.11 -0.42 9.74
CA SER A 143 -15.89 -0.52 8.94
C SER A 143 -14.68 0.07 9.72
N ALA A 144 -14.87 1.22 10.40
CA ALA A 144 -13.69 1.84 11.08
C ALA A 144 -13.12 0.96 12.15
N MET A 145 -14.02 0.29 12.88
CA MET A 145 -13.61 -0.63 13.96
C MET A 145 -12.92 -1.81 13.32
N ALA A 146 -13.58 -2.47 12.36
CA ALA A 146 -12.97 -3.68 11.68
C ALA A 146 -11.64 -3.44 10.99
N MET A 147 -11.51 -2.30 10.32
CA MET A 147 -10.27 -1.96 9.65
C MET A 147 -9.10 -1.89 10.61
N ARG A 148 -9.37 -1.68 11.90
CA ARG A 148 -8.29 -1.57 12.83
C ARG A 148 -7.37 -2.75 12.66
N ARG A 149 -7.85 -3.88 12.14
CA ARG A 149 -7.06 -5.14 12.16
C ARG A 149 -6.03 -5.13 11.10
N LEU A 150 -6.29 -4.32 10.07
CA LEU A 150 -5.46 -4.24 8.88
C LEU A 150 -4.12 -3.51 9.09
N VAL A 151 -4.05 -2.67 10.13
CA VAL A 151 -2.86 -1.92 10.48
C VAL A 151 -1.77 -2.94 10.80
N GLY A 152 -2.04 -3.79 11.77
CA GLY A 152 -1.20 -4.94 12.06
C GLY A 152 -0.77 -5.70 10.82
N GLU A 153 -1.69 -6.06 9.91
CA GLU A 153 -1.24 -6.87 8.74
C GLU A 153 -0.28 -6.04 7.90
N VAL A 154 -0.67 -4.77 7.63
CA VAL A 154 0.09 -3.91 6.74
C VAL A 154 1.45 -3.56 7.36
N THR A 155 1.44 -3.14 8.63
CA THR A 155 2.69 -2.88 9.33
C THR A 155 3.66 -4.04 9.08
N ALA A 156 3.26 -5.24 9.49
CA ALA A 156 4.01 -6.46 9.19
C ALA A 156 4.53 -6.58 7.74
N LYS A 157 3.68 -6.63 6.74
CA LYS A 157 4.18 -6.71 5.37
C LYS A 157 5.29 -5.67 5.06
N VAL A 158 5.31 -4.54 5.80
CA VAL A 158 6.25 -3.46 5.55
C VAL A 158 7.65 -3.87 5.99
N MET A 159 7.82 -4.16 7.28
CA MET A 159 9.03 -4.81 7.73
C MET A 159 9.43 -5.96 6.79
N ASP A 160 8.54 -6.88 6.46
CA ASP A 160 8.99 -8.02 5.66
C ASP A 160 9.69 -7.54 4.39
N ALA A 161 8.98 -6.80 3.56
CA ALA A 161 9.57 -6.09 2.42
C ALA A 161 10.93 -5.41 2.69
N LEU A 162 11.08 -4.73 3.83
CA LEU A 162 12.33 -4.04 4.16
C LEU A 162 13.46 -5.00 4.57
N GLY A 163 13.11 -6.29 4.69
CA GLY A 163 14.00 -7.33 5.18
C GLY A 163 14.65 -7.05 6.53
N SER A 164 15.38 -8.07 7.00
CA SER A 164 16.15 -8.00 8.25
C SER A 164 17.19 -6.89 8.26
N ASN A 165 18.10 -6.98 7.31
CA ASN A 165 19.07 -5.90 6.99
C ASN A 165 18.59 -4.44 7.29
N MET A 166 17.27 -4.17 7.21
CA MET A 166 16.79 -2.81 7.42
C MET A 166 15.93 -2.59 8.65
N SER A 167 15.98 -3.56 9.57
CA SER A 167 15.17 -3.56 10.80
C SER A 167 15.44 -2.38 11.64
N ALA A 168 16.72 -2.04 11.80
CA ALA A 168 17.11 -0.84 12.53
C ALA A 168 16.28 0.33 12.08
N LEU A 169 15.91 0.29 10.82
CA LEU A 169 15.23 1.41 10.21
C LEU A 169 13.77 1.52 10.57
N PHE A 170 13.08 0.40 10.44
CA PHE A 170 11.79 0.28 10.99
C PHE A 170 11.56 1.27 12.14
N GLN A 171 12.47 1.36 13.12
CA GLN A 171 12.35 2.34 14.23
C GLN A 171 11.93 3.76 13.89
N ILE A 172 11.67 4.03 12.61
CA ILE A 172 10.71 5.03 12.14
C ILE A 172 9.27 4.60 12.59
N PHE A 173 9.18 3.52 13.38
CA PHE A 173 7.93 2.90 13.94
C PHE A 173 6.80 3.82 14.53
N LYS A 174 6.90 4.19 15.79
CA LYS A 174 5.94 5.11 16.43
C LYS A 174 5.44 6.20 15.47
N GLN A 175 6.37 7.01 14.92
CA GLN A 175 6.10 8.30 14.19
C GLN A 175 5.60 8.06 12.76
N GLN A 176 4.90 6.95 12.62
CA GLN A 176 4.91 6.25 11.39
C GLN A 176 3.53 5.80 11.23
N ILE A 177 3.37 4.70 10.48
CA ILE A 177 2.27 3.80 10.67
C ILE A 177 1.49 4.31 11.86
N VAL A 178 2.07 4.18 13.06
CA VAL A 178 1.25 4.20 14.23
C VAL A 178 0.38 5.42 14.23
N ARG A 179 1.00 6.59 14.27
CA ARG A 179 0.25 7.83 14.28
C ARG A 179 -0.54 8.08 13.01
N ILE A 180 -0.03 7.63 11.86
CA ILE A 180 -0.64 8.02 10.62
C ILE A 180 -1.97 7.27 10.55
N PHE A 181 -1.93 6.00 10.92
CA PHE A 181 -3.12 5.18 10.96
C PHE A 181 -4.10 5.64 12.03
N GLN A 182 -3.58 5.87 13.22
CA GLN A 182 -4.27 6.50 14.30
C GLN A 182 -5.06 7.72 13.82
N ALA A 183 -4.39 8.70 13.20
CA ALA A 183 -5.02 9.95 12.78
C ALA A 183 -6.11 9.56 11.84
N ALA A 184 -5.74 8.76 10.83
CA ALA A 184 -6.64 8.33 9.75
C ALA A 184 -7.88 7.54 10.23
N LEU A 185 -7.66 6.70 11.26
CA LEU A 185 -8.70 5.86 11.82
C LEU A 185 -9.50 6.50 12.99
N ALA A 186 -9.02 7.61 13.57
CA ALA A 186 -9.63 8.24 14.76
C ALA A 186 -11.13 8.55 14.62
N ILE A 187 -11.90 8.08 15.58
CA ILE A 187 -13.32 8.17 15.46
C ILE A 187 -13.97 9.36 16.12
N PHE A 188 -13.34 9.93 17.13
CA PHE A 188 -13.94 11.03 17.87
C PHE A 188 -13.49 12.38 17.30
N GLU A 189 -12.23 12.47 16.83
CA GLU A 189 -11.64 13.72 16.29
C GLU A 189 -12.36 14.28 15.05
N ASN A 190 -11.97 15.48 14.60
CA ASN A 190 -12.64 16.17 13.47
C ASN A 190 -13.61 15.25 12.75
N VAL A 191 -14.83 15.22 13.26
CA VAL A 191 -15.80 14.34 12.72
C VAL A 191 -16.31 15.07 11.52
N SER A 192 -17.36 14.53 10.89
CA SER A 192 -17.98 15.08 9.66
C SER A 192 -17.02 14.95 8.50
N GLU A 193 -15.73 14.94 8.84
CA GLU A 193 -14.66 14.57 7.92
C GLU A 193 -14.58 13.05 7.83
N LEU A 194 -14.91 12.39 8.94
CA LEU A 194 -14.88 10.94 9.04
C LEU A 194 -15.45 10.16 7.83
N PRO A 195 -16.67 10.51 7.36
CA PRO A 195 -17.16 9.70 6.20
C PRO A 195 -16.11 9.62 5.11
N GLN A 196 -15.49 10.76 4.81
CA GLN A 196 -14.42 10.83 3.77
C GLN A 196 -13.06 10.20 4.10
N ARG A 197 -12.59 10.34 5.33
CA ARG A 197 -11.36 9.67 5.72
C ARG A 197 -11.50 8.19 5.70
N ILE A 198 -12.70 7.71 5.94
CA ILE A 198 -12.88 6.27 6.01
C ILE A 198 -12.92 5.72 4.60
N ALA A 199 -13.58 6.45 3.68
CA ALA A 199 -13.61 6.04 2.31
C ALA A 199 -12.18 6.10 1.66
N ALA A 200 -11.33 7.00 2.15
CA ALA A 200 -10.01 7.07 1.55
C ALA A 200 -9.19 5.85 2.03
N LEU A 201 -9.48 5.47 3.25
CA LEU A 201 -8.74 4.43 3.86
C LEU A 201 -9.13 3.06 3.34
N LYS A 202 -10.38 2.87 3.02
CA LYS A 202 -10.73 1.64 2.29
C LYS A 202 -9.93 1.60 0.98
N MET A 203 -9.98 2.69 0.21
CA MET A 203 -9.29 2.73 -1.07
C MET A 203 -7.83 2.36 -0.85
N ALA A 204 -7.23 2.95 0.18
CA ALA A 204 -5.83 2.70 0.44
C ALA A 204 -5.58 1.29 0.90
N PHE A 205 -6.49 0.70 1.69
CA PHE A 205 -6.24 -0.71 2.13
C PHE A 205 -6.40 -1.70 0.92
N ALA A 206 -7.24 -1.34 -0.05
CA ALA A 206 -7.36 -2.04 -1.30
C ALA A 206 -6.04 -1.91 -2.02
N LYS A 207 -5.46 -0.71 -2.00
CA LYS A 207 -4.33 -0.51 -2.90
C LYS A 207 -3.22 -1.38 -2.48
N CYS A 208 -3.22 -1.75 -1.21
CA CYS A 208 -2.13 -2.52 -0.80
C CYS A 208 -2.49 -3.83 -0.19
N ALA A 209 -3.74 -4.24 -0.41
CA ALA A 209 -4.14 -5.57 -0.01
C ALA A 209 -3.13 -6.59 -0.53
N LYS A 210 -2.74 -6.42 -1.81
CA LYS A 210 -2.14 -7.51 -2.61
C LYS A 210 -0.65 -7.73 -2.27
N SER A 211 0.18 -6.67 -2.35
CA SER A 211 1.62 -6.80 -2.05
C SER A 211 2.06 -5.48 -1.51
N ILE A 212 3.21 -5.47 -0.87
CA ILE A 212 3.87 -4.20 -0.52
C ILE A 212 5.24 -4.24 -1.18
N THR A 213 5.53 -3.27 -2.06
CA THR A 213 6.80 -3.17 -2.81
C THR A 213 7.53 -1.95 -2.40
N VAL A 214 8.68 -2.15 -1.78
CA VAL A 214 9.60 -1.05 -1.47
C VAL A 214 10.60 -0.77 -2.62
N VAL A 215 10.77 0.50 -2.99
CA VAL A 215 11.76 0.85 -4.03
C VAL A 215 12.58 2.02 -3.55
N VAL A 216 13.61 2.43 -4.32
CA VAL A 216 14.24 3.70 -3.99
C VAL A 216 14.06 4.72 -5.05
N MET A 217 13.54 5.87 -4.67
CA MET A 217 13.39 6.96 -5.54
C MET A 217 13.89 8.27 -4.90
N GLU A 218 14.71 8.98 -5.66
CA GLU A 218 15.23 10.27 -5.24
C GLU A 218 15.88 10.15 -3.86
N ARG A 219 16.62 9.04 -3.70
CA ARG A 219 17.34 8.70 -2.48
C ARG A 219 16.46 8.54 -1.25
N THR A 220 15.20 8.17 -1.43
CA THR A 220 14.39 7.72 -0.31
C THR A 220 13.89 6.36 -0.65
N LEU A 221 13.65 5.59 0.42
CA LEU A 221 12.79 4.44 0.36
C LEU A 221 11.37 5.00 0.12
N VAL A 222 10.57 4.32 -0.71
CA VAL A 222 9.16 4.63 -0.83
C VAL A 222 8.38 3.32 -0.95
N VAL A 223 7.22 3.26 -0.34
CA VAL A 223 6.35 2.10 -0.48
C VAL A 223 5.46 2.47 -1.63
N ARG A 224 5.67 1.81 -2.77
CA ARG A 224 4.85 2.08 -3.96
C ARG A 224 3.38 2.17 -3.58
N GLU A 225 2.85 1.17 -2.89
CA GLU A 225 1.41 1.05 -2.71
C GLU A 225 0.69 2.19 -1.94
N PHE A 226 1.38 2.89 -1.06
CA PHE A 226 0.83 4.07 -0.39
C PHE A 226 0.85 5.27 -1.26
N ALA A 227 1.43 5.17 -2.46
CA ALA A 227 1.81 6.39 -3.14
C ALA A 227 0.60 7.21 -3.49
N GLY A 228 -0.43 6.72 -4.14
CA GLY A 228 -1.45 7.75 -4.38
C GLY A 228 -2.64 7.53 -3.44
N THR A 229 -2.43 7.56 -2.11
CA THR A 229 -3.48 7.35 -1.14
C THR A 229 -3.28 8.23 0.04
N CYS A 230 -4.25 8.26 0.91
CA CYS A 230 -4.09 8.99 2.12
C CYS A 230 -2.98 8.39 2.97
N LEU A 231 -2.39 7.29 2.55
CA LEU A 231 -1.29 6.78 3.32
C LEU A 231 0.03 7.35 2.79
N ALA A 232 -0.01 8.25 1.82
CA ALA A 232 1.25 8.84 1.25
C ALA A 232 2.07 9.47 2.31
N SER A 233 1.35 9.99 3.28
CA SER A 233 2.03 10.77 4.26
C SER A 233 3.06 9.84 4.99
N ILE A 234 2.96 8.52 4.86
CA ILE A 234 4.06 7.77 5.43
C ILE A 234 5.33 7.80 4.51
N ASN A 235 5.17 7.56 3.22
CA ASN A 235 6.21 7.88 2.28
C ASN A 235 6.82 9.28 2.51
N GLY A 236 6.00 10.25 2.93
CA GLY A 236 6.51 11.62 3.08
C GLY A 236 7.45 11.82 4.27
N ALA A 237 7.18 11.10 5.33
CA ALA A 237 7.86 11.38 6.56
C ALA A 237 9.14 10.61 6.44
N VAL A 238 9.08 9.46 5.79
CA VAL A 238 10.29 8.73 5.47
C VAL A 238 11.19 9.58 4.54
N ALA A 239 10.63 10.28 3.58
CA ALA A 239 11.42 11.06 2.70
C ALA A 239 12.15 12.11 3.51
N LYS A 240 11.45 12.67 4.50
CA LYS A 240 11.91 13.81 5.24
C LYS A 240 13.15 13.37 6.05
N PHE A 241 13.11 12.22 6.71
CA PHE A 241 14.25 11.62 7.40
C PHE A 241 15.40 11.34 6.44
N PHE A 242 15.10 11.06 5.17
CA PHE A 242 16.18 10.78 4.24
C PHE A 242 16.78 12.05 3.77
N GLU A 243 15.91 12.98 3.47
CA GLU A 243 16.25 14.35 3.23
C GLU A 243 17.37 14.80 4.17
N GLU A 244 17.14 14.70 5.46
CA GLU A 244 18.04 15.24 6.48
C GLU A 244 19.28 14.39 6.70
N LEU A 245 19.46 13.40 5.84
CA LEU A 245 20.51 12.45 6.09
C LEU A 245 21.80 13.03 5.42
N PRO A 246 22.99 12.64 5.95
CA PRO A 246 24.26 13.23 5.43
C PRO A 246 24.59 12.75 4.02
N ASN A 247 25.00 13.66 3.13
CA ASN A 247 25.55 13.32 1.82
C ASN A 247 26.92 12.61 1.84
N GLY A 248 27.16 11.69 0.90
CA GLY A 248 28.26 10.71 0.97
C GLY A 248 28.86 10.46 -0.41
N PHE A 249 29.54 9.33 -0.57
CA PHE A 249 30.22 9.10 -1.84
C PHE A 249 29.28 9.11 -3.07
N MET A 250 29.66 9.80 -4.14
CA MET A 250 28.92 10.01 -5.42
C MET A 250 27.50 10.50 -5.24
N GLY A 251 27.22 11.10 -4.10
CA GLY A 251 26.03 11.90 -4.00
C GLY A 251 24.91 11.14 -3.38
N ALA A 252 25.23 10.08 -2.66
CA ALA A 252 24.21 9.29 -2.00
C ALA A 252 24.01 9.76 -0.57
N LYS A 253 23.00 9.18 0.09
CA LYS A 253 22.60 9.55 1.41
C LYS A 253 23.09 8.51 2.34
N ILE A 254 23.71 8.87 3.46
CA ILE A 254 24.28 7.79 4.30
C ILE A 254 23.47 7.46 5.54
N PHE A 255 23.29 6.18 5.78
CA PHE A 255 22.69 5.75 7.00
C PHE A 255 23.38 4.49 7.28
N THR A 256 24.13 4.44 8.40
CA THR A 256 24.62 3.12 8.83
C THR A 256 25.61 2.40 7.80
N THR A 257 25.51 1.09 7.62
CA THR A 257 26.27 0.35 6.62
C THR A 257 25.65 0.49 5.17
N PHE A 258 24.79 1.51 4.96
CA PHE A 258 24.01 1.56 3.74
C PHE A 258 24.20 2.85 3.03
N ALA A 259 24.01 2.82 1.70
CA ALA A 259 24.01 4.01 0.82
C ALA A 259 22.80 4.05 -0.12
N PHE A 260 22.30 5.24 -0.35
CA PHE A 260 21.05 5.40 -1.00
C PHE A 260 21.22 6.37 -2.14
N PHE A 261 21.30 5.80 -3.35
CA PHE A 261 21.60 6.49 -4.55
C PHE A 261 20.29 6.86 -5.21
N ARG A 262 20.31 7.42 -6.42
CA ARG A 262 19.03 7.97 -6.99
C ARG A 262 17.91 6.98 -6.85
N GLU A 263 18.19 5.74 -7.19
CA GLU A 263 17.21 4.74 -7.52
C GLU A 263 17.53 3.42 -6.96
N ALA A 264 18.47 3.31 -6.03
CA ALA A 264 18.84 2.01 -5.45
C ALA A 264 19.52 2.15 -4.10
N ALA A 265 19.40 1.10 -3.28
CA ALA A 265 20.10 1.05 -2.03
C ALA A 265 21.11 -0.04 -2.09
N VAL A 266 22.32 0.25 -1.60
CA VAL A 266 23.33 -0.76 -1.52
C VAL A 266 23.86 -0.73 -0.13
N LYS A 267 24.32 -1.87 0.36
CA LYS A 267 25.25 -1.86 1.46
C LYS A 267 26.69 -1.64 1.01
N ILE A 268 27.40 -0.88 1.85
CA ILE A 268 28.79 -0.58 1.70
C ILE A 268 29.52 -1.71 2.38
N VAL A 269 30.47 -2.33 1.71
CA VAL A 269 31.26 -3.31 2.42
C VAL A 269 32.72 -2.89 2.42
N ASP A 270 33.33 -2.91 3.62
CA ASP A 270 34.70 -2.54 3.75
C ASP A 270 35.52 -3.68 3.23
N ASN A 271 36.67 -3.40 2.64
CA ASN A 271 37.61 -4.46 2.23
C ASN A 271 36.96 -5.52 1.33
N ILE A 272 36.40 -5.06 0.20
CA ILE A 272 35.75 -5.99 -0.73
C ILE A 272 36.86 -6.93 -1.14
N PRO A 273 36.52 -8.21 -1.26
CA PRO A 273 37.52 -9.20 -1.48
C PRO A 273 38.07 -8.93 -2.83
N ASN A 274 39.35 -9.24 -2.98
CA ASN A 274 39.99 -9.33 -4.28
C ASN A 274 40.38 -7.99 -4.90
N ALA A 275 40.56 -6.98 -4.05
CA ALA A 275 41.11 -5.69 -4.41
C ALA A 275 42.06 -5.29 -3.30
N PRO A 276 42.77 -4.17 -3.44
CA PRO A 276 43.58 -3.76 -2.25
C PRO A 276 42.82 -3.57 -0.87
N ARG A 277 43.54 -3.88 0.22
CA ARG A 277 43.06 -3.63 1.57
C ARG A 277 42.51 -2.23 1.59
N GLY A 278 41.31 -2.15 2.16
CA GLY A 278 40.70 -0.86 2.48
C GLY A 278 39.86 -0.36 1.34
N THR A 279 39.80 -1.12 0.24
CA THR A 279 38.88 -0.81 -0.86
C THR A 279 37.45 -1.09 -0.44
N LYS A 280 36.53 -0.17 -0.70
CA LYS A 280 35.14 -0.40 -0.41
C LYS A 280 34.32 -0.67 -1.63
N GLY A 281 33.20 -1.38 -1.46
CA GLY A 281 32.30 -1.57 -2.57
C GLY A 281 30.83 -1.57 -2.22
N PHE A 282 30.01 -1.81 -3.22
CA PHE A 282 28.59 -1.77 -3.01
C PHE A 282 27.91 -3.08 -3.37
N GLU A 283 26.87 -3.41 -2.58
CA GLU A 283 25.95 -4.57 -2.83
C GLU A 283 24.49 -4.12 -2.80
N VAL A 284 23.83 -4.12 -3.96
CA VAL A 284 22.44 -3.74 -4.12
C VAL A 284 21.60 -4.51 -3.11
N VAL A 285 20.62 -3.85 -2.47
CA VAL A 285 19.61 -4.58 -1.69
C VAL A 285 18.19 -4.17 -2.14
N GLY A 286 17.28 -5.16 -2.27
CA GLY A 286 15.92 -4.88 -2.54
C GLY A 286 15.82 -4.45 -3.97
N ASN A 287 14.84 -3.63 -4.30
CA ASN A 287 14.65 -3.41 -5.74
C ASN A 287 15.46 -2.22 -6.24
N ALA A 288 16.24 -2.45 -7.28
CA ALA A 288 17.17 -1.42 -7.85
C ALA A 288 16.88 -1.23 -9.34
N LYS A 289 16.99 0.01 -9.81
CA LYS A 289 17.15 0.25 -11.24
C LYS A 289 18.64 0.46 -11.51
N GLY A 290 19.06 0.07 -12.70
CA GLY A 290 20.41 0.25 -13.15
C GLY A 290 20.62 -0.47 -14.49
N THR A 291 21.89 -0.65 -14.86
CA THR A 291 22.25 -1.20 -16.15
C THR A 291 23.14 -2.38 -15.91
N GLN A 292 22.76 -3.50 -16.49
CA GLN A 292 23.60 -4.70 -16.52
C GLN A 292 24.78 -4.35 -17.47
N VAL A 293 26.02 -4.51 -17.00
CA VAL A 293 27.20 -4.15 -17.74
C VAL A 293 28.23 -5.31 -17.80
N VAL A 294 29.28 -5.13 -18.64
CA VAL A 294 30.48 -5.97 -18.63
C VAL A 294 31.73 -5.28 -18.14
N VAL A 295 32.48 -5.91 -17.25
CA VAL A 295 33.63 -5.25 -16.74
C VAL A 295 34.76 -5.97 -17.33
N ARG A 296 35.49 -5.33 -18.25
CA ARG A 296 36.62 -6.03 -18.97
C ARG A 296 37.76 -6.32 -18.06
N GLY A 297 38.04 -5.41 -17.10
CA GLY A 297 39.19 -5.54 -16.18
C GLY A 297 39.29 -4.21 -15.42
N MET A 298 40.34 -4.11 -14.59
CA MET A 298 40.58 -2.89 -13.76
C MET A 298 41.47 -2.00 -14.56
N ARG A 299 41.21 -0.68 -14.51
CA ARG A 299 42.17 0.35 -14.91
C ARG A 299 42.36 1.37 -13.77
N ASN A 300 43.49 2.10 -13.75
CA ASN A 300 43.81 3.03 -12.63
C ASN A 300 44.29 4.40 -13.14
N ASP A 301 43.82 4.73 -14.31
CA ASP A 301 44.33 5.89 -15.00
C ASP A 301 43.32 6.98 -14.99
N LEU A 302 42.44 7.02 -13.99
CA LEU A 302 41.40 8.04 -14.01
C LEU A 302 41.19 8.76 -12.71
N THR A 303 40.68 9.97 -12.79
CA THR A 303 40.35 10.74 -11.63
C THR A 303 38.87 11.09 -11.71
N LEU A 304 38.21 10.98 -10.57
CA LEU A 304 36.81 11.26 -10.36
C LEU A 304 36.66 12.75 -10.15
N LEU A 305 35.88 13.37 -10.99
CA LEU A 305 35.54 14.73 -10.79
C LEU A 305 34.28 14.80 -9.96
N ASP A 306 34.15 15.88 -9.22
CA ASP A 306 32.98 16.08 -8.41
C ASP A 306 31.86 16.63 -9.32
N GLN A 307 31.16 15.79 -10.09
CA GLN A 307 30.27 16.35 -11.15
C GLN A 307 29.55 15.34 -12.05
N LYS A 308 28.25 15.56 -12.19
CA LYS A 308 27.32 14.56 -12.73
C LYS A 308 27.09 14.75 -14.23
N ALA A 309 26.71 13.69 -14.94
CA ALA A 309 26.58 13.77 -16.41
C ALA A 309 25.18 13.58 -16.96
N GLU A 310 24.42 12.71 -16.32
CA GLU A 310 23.07 12.55 -16.84
C GLU A 310 23.21 12.01 -18.25
N ILE A 311 23.78 10.82 -18.37
CA ILE A 311 23.86 10.17 -19.67
C ILE A 311 23.80 8.67 -19.46
N PRO A 312 23.40 7.95 -20.52
CA PRO A 312 23.40 6.52 -20.57
C PRO A 312 24.69 5.86 -20.05
N VAL A 313 24.48 4.90 -19.16
CA VAL A 313 25.53 4.03 -18.83
C VAL A 313 25.86 3.08 -20.01
N GLU A 314 27.11 3.04 -20.45
CA GLU A 314 27.52 2.13 -21.48
C GLU A 314 27.58 0.75 -20.89
N SER A 315 27.17 -0.24 -21.69
CA SER A 315 27.06 -1.64 -21.26
C SER A 315 28.38 -2.43 -21.20
N GLU A 316 29.49 -1.83 -21.69
CA GLU A 316 30.83 -2.42 -21.50
C GLU A 316 31.76 -1.37 -21.03
N GLY A 317 32.57 -1.72 -20.05
CA GLY A 317 33.56 -0.79 -19.50
C GLY A 317 34.61 -1.51 -18.68
N TRP A 318 35.04 -0.83 -17.61
CA TRP A 318 36.04 -1.34 -16.64
C TRP A 318 35.59 -1.03 -15.18
N SER A 319 36.33 -1.56 -14.22
CA SER A 319 36.25 -1.14 -12.86
C SER A 319 37.44 -0.28 -12.64
N ALA A 320 37.33 0.66 -11.70
CA ALA A 320 38.40 1.54 -11.28
C ALA A 320 38.14 1.85 -9.81
N ILE A 321 39.18 1.90 -9.00
CA ILE A 321 38.92 2.25 -7.62
C ILE A 321 39.01 3.75 -7.42
N LEU A 322 37.88 4.40 -7.21
CA LEU A 322 37.81 5.87 -7.07
C LEU A 322 37.36 6.28 -5.68
N GLY A 323 38.01 7.32 -5.15
CA GLY A 323 37.73 7.70 -3.77
C GLY A 323 37.61 6.47 -2.87
N GLY A 324 38.43 5.47 -3.08
CA GLY A 324 38.47 4.31 -2.20
C GLY A 324 37.38 3.28 -2.40
N HIS A 325 36.55 3.49 -3.43
CA HIS A 325 35.41 2.63 -3.76
C HIS A 325 35.54 2.03 -5.14
N LEU A 326 35.17 0.76 -5.25
CA LEU A 326 35.21 0.04 -6.52
C LEU A 326 34.05 0.52 -7.36
N CYS A 327 34.37 1.24 -8.44
CA CYS A 327 33.36 1.80 -9.29
C CYS A 327 33.43 1.17 -10.68
N TYR A 328 32.42 1.47 -11.48
CA TYR A 328 32.37 1.12 -12.88
C TYR A 328 32.71 2.39 -13.59
N VAL A 329 33.43 2.20 -14.69
CA VAL A 329 34.02 3.29 -15.39
C VAL A 329 33.81 2.94 -16.88
N PHE A 330 33.35 3.90 -17.66
CA PHE A 330 33.15 3.70 -19.08
C PHE A 330 33.56 4.92 -19.88
N LYS A 331 33.84 4.70 -21.17
CA LYS A 331 34.21 5.73 -22.17
C LYS A 331 33.02 6.03 -23.13
N SER A 332 32.83 7.31 -23.45
CA SER A 332 31.68 7.76 -24.22
C SER A 332 32.13 8.86 -25.18
N GLY A 333 32.42 8.44 -26.43
CA GLY A 333 33.18 9.28 -27.31
C GLY A 333 34.60 9.41 -26.76
N ASP A 334 35.06 10.66 -26.58
CA ASP A 334 36.48 10.82 -26.16
C ASP A 334 36.57 10.90 -24.67
N ARG A 335 35.40 10.94 -24.01
CA ARG A 335 35.25 11.22 -22.58
C ARG A 335 35.03 9.96 -21.71
N PHE A 336 35.38 10.09 -20.43
CA PHE A 336 35.18 9.01 -19.49
C PHE A 336 34.19 9.31 -18.43
N TYR A 337 33.60 8.23 -17.93
CA TYR A 337 32.69 8.35 -16.83
C TYR A 337 32.78 7.25 -15.75
N ALA A 338 32.27 7.57 -14.58
CA ALA A 338 32.23 6.59 -13.51
C ALA A 338 30.82 6.43 -12.97
N ALA A 339 30.57 5.22 -12.43
CA ALA A 339 29.26 4.94 -11.83
C ALA A 339 29.36 3.95 -10.67
N PRO A 340 28.34 4.00 -9.77
CA PRO A 340 28.36 2.98 -8.68
C PRO A 340 28.18 1.60 -9.25
N LEU A 341 28.86 0.61 -8.70
CA LEU A 341 28.78 -0.75 -9.23
C LEU A 341 28.51 -1.77 -8.15
N SER A 342 27.66 -2.75 -8.45
CA SER A 342 27.48 -3.92 -7.57
C SER A 342 27.55 -5.15 -8.47
N GLY A 343 28.56 -6.02 -8.28
CA GLY A 343 28.74 -7.20 -9.16
C GLY A 343 28.89 -6.62 -10.59
N ASN A 344 27.91 -6.90 -11.46
CA ASN A 344 27.86 -6.52 -12.88
C ASN A 344 26.65 -5.64 -13.11
N PHE A 345 26.26 -4.96 -12.07
CA PHE A 345 25.15 -4.07 -12.17
C PHE A 345 25.67 -2.59 -11.94
N ALA A 346 25.37 -1.69 -12.86
CA ALA A 346 25.83 -0.33 -12.72
C ALA A 346 24.61 0.51 -12.45
N LEU A 347 24.75 1.38 -11.48
CA LEU A 347 23.64 2.28 -11.16
C LEU A 347 23.73 3.56 -11.95
N HIS A 348 22.65 4.33 -12.03
CA HIS A 348 22.78 5.48 -12.94
C HIS A 348 23.32 6.80 -12.30
N ASP A 349 24.05 6.75 -11.19
CA ASP A 349 24.58 8.00 -10.68
C ASP A 349 25.86 8.47 -11.34
N VAL A 350 25.75 8.82 -12.62
CA VAL A 350 26.92 8.98 -13.43
C VAL A 350 27.72 10.24 -13.07
N HIS A 351 29.02 10.07 -12.77
CA HIS A 351 29.93 11.22 -12.60
C HIS A 351 30.99 11.34 -13.73
N CYS A 352 31.42 12.56 -14.04
CA CYS A 352 32.48 12.74 -15.03
C CYS A 352 33.81 12.34 -14.48
N CYS A 353 34.65 11.87 -15.42
CA CYS A 353 36.09 11.60 -15.17
C CYS A 353 37.09 12.32 -16.14
N GLU A 354 38.33 12.49 -15.69
CA GLU A 354 39.42 13.00 -16.55
C GLU A 354 40.46 11.95 -16.55
N ARG A 355 41.10 11.77 -17.69
CA ARG A 355 42.32 10.96 -17.69
C ARG A 355 43.41 11.74 -16.94
N VAL A 356 44.20 11.03 -16.13
CA VAL A 356 45.30 11.64 -15.38
C VAL A 356 46.29 12.44 -16.26
N VAL A 357 46.70 13.61 -15.77
CA VAL A 357 47.83 14.40 -16.37
C VAL A 357 49.26 14.01 -15.89
N CYS A 358 50.20 13.91 -16.83
CA CYS A 358 51.63 13.63 -16.54
C CYS A 358 52.52 14.88 -16.51
N LEU A 359 53.59 14.78 -15.72
CA LEU A 359 54.54 15.86 -15.59
C LEU A 359 55.38 16.06 -16.87
#